data_5MFW
#
_entry.id   5MFW
#
_cell.length_a   68.644
_cell.length_b   68.644
_cell.length_c   234.854
_cell.angle_alpha   90.000
_cell.angle_beta   90.000
_cell.angle_gamma   90.000
#
_symmetry.space_group_name_H-M   'P 41 21 2'
#
loop_
_entity.id
_entity.type
_entity.pdbx_description
1 polymer 'Glutamate receptor ionotropic, kainate 1,Glutamate receptor ionotropic, kainate 1'
2 non-polymer '7-chloro-4-(2-fluoroethyl)-2,3-dihydro-1,2,4-benzothiadiazine 1,1-dioxide'
3 non-polymer 'CHLORIDE ION'
4 non-polymer 3-(CARBOXYMETHYL)-4-ISOPROPENYLPROLINE
5 non-polymer 'SULFATE ION'
6 non-polymer GLYCEROL
7 non-polymer 'ACETATE ION'
8 water water
#
_entity_poly.entity_id   1
_entity_poly.type   'polypeptide(L)'
_entity_poly.pdbx_seq_one_letter_code
;GANRTLIVTTILEEPYVMYRKSDKPLYGNDRFEGYCLDLLKELSNILGFLYDVKLVPDGKYGAQNDKGEWNGMVKELIDH
RADLAVAPLTITYVREKVIDFSKPFMTLGISILYRKGTPIDSADDLAKQTKIEYGAVRDGSTMTFFKKSKISTYEKMWAF
MSSRQQSALVKNSDEGIQRVLTTDYALLMESTSIEYVTQRNCNLTQIGGLIDSKGYGVGTPIGSPYRDKITIAILQLQEE
GKLHMMKEKWWRGNGCP
;
_entity_poly.pdbx_strand_id   A,B
#
# COMPACT_ATOMS: atom_id res chain seq x y z
N ASN A 3 13.37 -30.76 4.54
CA ASN A 3 12.14 -30.02 4.25
C ASN A 3 11.74 -30.03 2.77
N ARG A 4 10.44 -30.17 2.53
CA ARG A 4 9.90 -30.28 1.19
C ARG A 4 10.16 -29.02 0.34
N THR A 5 10.59 -29.24 -0.89
CA THR A 5 10.79 -28.15 -1.83
C THR A 5 9.42 -27.54 -2.20
N LEU A 6 9.28 -26.24 -2.02
CA LEU A 6 8.00 -25.58 -2.29
C LEU A 6 7.73 -25.40 -3.80
N ILE A 7 6.48 -25.58 -4.19
CA ILE A 7 6.10 -25.33 -5.58
C ILE A 7 5.62 -23.90 -5.75
N VAL A 8 6.33 -23.14 -6.58
CA VAL A 8 6.01 -21.74 -6.79
C VAL A 8 5.44 -21.52 -8.19
N THR A 9 4.16 -21.18 -8.25
CA THR A 9 3.52 -20.89 -9.53
C THR A 9 3.74 -19.42 -9.89
N THR A 10 3.98 -19.18 -11.18
CA THR A 10 4.24 -17.85 -11.67
C THR A 10 3.87 -17.79 -13.14
N ILE A 11 4.13 -16.65 -13.78
CA ILE A 11 3.70 -16.43 -15.15
C ILE A 11 4.68 -15.45 -15.80
N LEU A 12 4.98 -15.64 -17.09
CA LEU A 12 5.90 -14.72 -17.76
C LEU A 12 5.24 -13.34 -17.93
N GLU A 13 5.95 -12.31 -17.47
CA GLU A 13 5.48 -10.93 -17.54
C GLU A 13 6.68 -10.05 -17.25
N GLU A 14 7.03 -9.18 -18.19
CA GLU A 14 8.18 -8.30 -18.00
C GLU A 14 7.82 -7.17 -17.03
N PRO A 15 8.75 -6.79 -16.14
CA PRO A 15 10.06 -7.43 -15.92
C PRO A 15 10.05 -8.33 -14.70
N TYR A 16 8.88 -8.87 -14.34
CA TYR A 16 8.74 -9.65 -13.11
C TYR A 16 9.32 -11.03 -13.27
N VAL A 17 8.94 -11.68 -14.38
CA VAL A 17 9.39 -13.01 -14.69
C VAL A 17 9.64 -13.09 -16.19
N MET A 18 10.89 -13.34 -16.58
CA MET A 18 11.23 -13.39 -17.99
C MET A 18 12.13 -14.57 -18.22
N TYR A 19 12.16 -15.07 -19.46
CA TYR A 19 13.14 -16.09 -19.83
C TYR A 19 14.51 -15.41 -19.88
N ARG A 20 15.51 -16.09 -19.33
CA ARG A 20 16.87 -15.58 -19.28
C ARG A 20 17.47 -15.71 -20.67
N LYS A 21 18.21 -14.69 -21.13
CA LYS A 21 18.90 -14.79 -22.41
C LYS A 21 20.24 -15.51 -22.28
N SER A 22 20.34 -16.64 -22.95
CA SER A 22 21.56 -17.41 -22.98
C SER A 22 21.73 -17.91 -24.42
N ASP A 23 22.87 -18.52 -24.72
CA ASP A 23 23.08 -19.05 -26.07
C ASP A 23 22.90 -20.58 -26.09
N LYS A 24 22.45 -21.13 -24.98
CA LYS A 24 22.21 -22.57 -24.88
C LYS A 24 20.94 -22.83 -24.07
N PRO A 25 20.34 -24.03 -24.22
CA PRO A 25 19.08 -24.37 -23.55
C PRO A 25 19.17 -24.22 -22.04
N LEU A 26 18.05 -23.88 -21.39
CA LEU A 26 18.02 -23.70 -19.94
C LEU A 26 17.02 -24.63 -19.26
N TYR A 27 17.31 -24.97 -18.00
CA TYR A 27 16.52 -25.94 -17.25
C TYR A 27 16.23 -25.42 -15.83
N GLY A 28 15.14 -25.89 -15.24
CA GLY A 28 14.74 -25.53 -13.89
C GLY A 28 14.62 -24.04 -13.65
N ASN A 29 14.92 -23.61 -12.43
CA ASN A 29 14.83 -22.18 -12.08
C ASN A 29 15.76 -21.31 -12.92
N ASP A 30 16.82 -21.91 -13.46
CA ASP A 30 17.78 -21.16 -14.26
C ASP A 30 17.17 -20.60 -15.55
N ARG A 31 16.03 -21.15 -15.97
CA ARG A 31 15.31 -20.57 -17.11
C ARG A 31 14.91 -19.12 -16.90
N PHE A 32 14.74 -18.71 -15.65
CA PHE A 32 14.04 -17.46 -15.35
C PHE A 32 14.89 -16.39 -14.66
N GLU A 33 14.57 -15.13 -14.94
CA GLU A 33 15.14 -14.01 -14.21
C GLU A 33 14.08 -12.93 -14.06
N GLY A 34 14.35 -11.92 -13.25
CA GLY A 34 13.42 -10.81 -13.13
C GLY A 34 13.18 -10.41 -11.69
N TYR A 35 12.42 -9.33 -11.50
CA TYR A 35 12.08 -8.81 -10.18
C TYR A 35 11.58 -9.89 -9.22
N CYS A 36 10.62 -10.69 -9.69
CA CYS A 36 10.01 -11.70 -8.86
C CYS A 36 10.95 -12.87 -8.53
N LEU A 37 11.93 -13.12 -9.38
CA LEU A 37 12.93 -14.14 -9.09
C LEU A 37 13.86 -13.65 -8.00
N ASP A 38 14.22 -12.37 -8.07
CA ASP A 38 15.04 -11.75 -7.03
C ASP A 38 14.28 -11.77 -5.71
N LEU A 39 13.00 -11.39 -5.75
CA LEU A 39 12.17 -11.39 -4.53
C LEU A 39 12.11 -12.77 -3.91
N LEU A 40 11.79 -13.75 -4.74
CA LEU A 40 11.74 -15.15 -4.34
C LEU A 40 13.04 -15.58 -3.66
N LYS A 41 14.16 -15.21 -4.25
CA LYS A 41 15.46 -15.57 -3.71
C LYS A 41 15.71 -14.88 -2.37
N GLU A 42 15.26 -13.64 -2.21
CA GLU A 42 15.41 -12.96 -0.93
C GLU A 42 14.52 -13.62 0.11
N LEU A 43 13.30 -13.98 -0.27
CA LEU A 43 12.39 -14.65 0.64
C LEU A 43 12.96 -15.99 1.11
N SER A 44 13.53 -16.76 0.18
CA SER A 44 14.07 -18.07 0.51
C SER A 44 15.25 -17.97 1.49
N ASN A 45 16.07 -16.93 1.34
CA ASN A 45 17.19 -16.73 2.25
C ASN A 45 16.74 -16.36 3.67
N ILE A 46 15.73 -15.51 3.77
CA ILE A 46 15.20 -15.11 5.07
C ILE A 46 14.48 -16.28 5.73
N LEU A 47 13.65 -16.99 4.98
CA LEU A 47 12.77 -17.98 5.57
C LEU A 47 13.34 -19.38 5.53
N GLY A 48 14.34 -19.60 4.69
CA GLY A 48 15.02 -20.88 4.59
C GLY A 48 14.25 -22.00 3.90
N PHE A 49 13.69 -21.73 2.73
CA PHE A 49 13.00 -22.77 1.97
C PHE A 49 13.62 -22.95 0.59
N LEU A 50 13.51 -24.17 0.06
CA LEU A 50 13.92 -24.45 -1.31
C LEU A 50 12.68 -24.35 -2.17
N TYR A 51 12.85 -24.06 -3.46
CA TYR A 51 11.69 -23.86 -4.32
C TYR A 51 11.92 -24.27 -5.77
N ASP A 52 10.81 -24.61 -6.41
CA ASP A 52 10.78 -25.00 -7.81
CA ASP A 52 10.80 -24.97 -7.82
C ASP A 52 9.81 -24.06 -8.52
N VAL A 53 10.31 -23.25 -9.43
CA VAL A 53 9.45 -22.32 -10.17
C VAL A 53 8.74 -23.03 -11.31
N LYS A 54 7.42 -22.91 -11.34
CA LYS A 54 6.62 -23.58 -12.35
C LYS A 54 5.62 -22.62 -12.99
N LEU A 55 5.72 -22.43 -14.30
CA LEU A 55 4.77 -21.58 -15.03
C LEU A 55 3.37 -22.14 -14.89
N VAL A 56 2.39 -21.25 -14.70
CA VAL A 56 1.02 -21.70 -14.53
C VAL A 56 0.52 -22.29 -15.85
N PRO A 57 0.05 -23.55 -15.81
CA PRO A 57 -0.23 -24.30 -17.04
C PRO A 57 -1.22 -23.64 -17.98
N ASP A 58 -2.27 -22.99 -17.47
CA ASP A 58 -3.23 -22.33 -18.35
C ASP A 58 -2.83 -20.91 -18.76
N GLY A 59 -1.72 -20.44 -18.22
CA GLY A 59 -1.21 -19.12 -18.55
C GLY A 59 -2.10 -17.96 -18.15
N LYS A 60 -2.86 -18.13 -17.07
CA LYS A 60 -3.72 -17.04 -16.57
C LYS A 60 -3.43 -16.63 -15.12
N TYR A 61 -3.83 -15.41 -14.76
CA TYR A 61 -3.64 -14.89 -13.41
C TYR A 61 -4.68 -15.44 -12.45
N GLY A 62 -5.95 -15.30 -12.80
CA GLY A 62 -7.00 -15.87 -11.98
C GLY A 62 -8.23 -15.01 -11.98
N ALA A 63 -9.26 -15.49 -12.66
CA ALA A 63 -10.56 -14.84 -12.69
C ALA A 63 -11.65 -15.91 -12.59
N GLN A 64 -12.89 -15.48 -12.38
CA GLN A 64 -14.03 -16.41 -12.38
C GLN A 64 -14.79 -16.32 -13.69
N ASN A 65 -15.34 -17.45 -14.12
CA ASN A 65 -16.25 -17.47 -15.27
C ASN A 65 -17.71 -17.37 -14.80
N ASP A 66 -18.64 -17.56 -15.73
CA ASP A 66 -20.08 -17.45 -15.45
C ASP A 66 -20.50 -18.30 -14.27
N LYS A 67 -19.98 -19.51 -14.22
CA LYS A 67 -20.34 -20.46 -13.18
C LYS A 67 -19.51 -20.24 -11.92
N GLY A 68 -18.76 -19.14 -11.89
CA GLY A 68 -18.00 -18.74 -10.73
C GLY A 68 -16.74 -19.57 -10.47
N GLU A 69 -16.36 -20.38 -11.45
CA GLU A 69 -15.17 -21.23 -11.34
C GLU A 69 -13.90 -20.42 -11.60
N TRP A 70 -12.85 -20.69 -10.84
CA TRP A 70 -11.58 -19.97 -10.97
C TRP A 70 -10.62 -20.61 -11.97
N ASN A 71 -9.68 -19.82 -12.49
CA ASN A 71 -8.61 -20.34 -13.33
C ASN A 71 -7.25 -19.79 -12.87
N GLY A 72 -6.20 -20.08 -13.62
CA GLY A 72 -4.93 -19.41 -13.42
C GLY A 72 -4.23 -19.71 -12.10
N MET A 73 -3.29 -18.84 -11.71
CA MET A 73 -2.54 -19.05 -10.49
C MET A 73 -3.44 -19.16 -9.27
N VAL A 74 -4.54 -18.42 -9.29
CA VAL A 74 -5.43 -18.43 -8.13
C VAL A 74 -6.01 -19.84 -7.93
N LYS A 75 -6.53 -20.40 -9.01
CA LYS A 75 -6.99 -21.79 -9.03
C LYS A 75 -5.91 -22.79 -8.58
N GLU A 76 -4.68 -22.61 -9.07
CA GLU A 76 -3.57 -23.45 -8.66
C GLU A 76 -3.41 -23.50 -7.15
N LEU A 77 -3.57 -22.35 -6.50
CA LEU A 77 -3.44 -22.24 -5.05
C LEU A 77 -4.66 -22.85 -4.34
N ILE A 78 -5.85 -22.51 -4.82
CA ILE A 78 -7.08 -23.04 -4.24
C ILE A 78 -7.02 -24.56 -4.19
N ASP A 79 -6.56 -25.16 -5.29
CA ASP A 79 -6.50 -26.62 -5.40
C ASP A 79 -5.25 -27.26 -4.81
N HIS A 80 -4.40 -26.45 -4.19
CA HIS A 80 -3.17 -26.96 -3.59
C HIS A 80 -2.26 -27.63 -4.61
N ARG A 81 -2.18 -27.06 -5.80
CA ARG A 81 -1.24 -27.53 -6.80
C ARG A 81 0.03 -26.70 -6.74
N ALA A 82 0.01 -25.69 -5.89
CA ALA A 82 1.19 -24.86 -5.67
C ALA A 82 1.18 -24.34 -4.24
N ASP A 83 2.37 -24.13 -3.69
CA ASP A 83 2.50 -23.59 -2.33
C ASP A 83 2.43 -22.06 -2.32
N LEU A 84 3.03 -21.43 -3.32
CA LEU A 84 3.09 -19.97 -3.41
C LEU A 84 2.84 -19.52 -4.83
N ALA A 85 2.30 -18.31 -4.98
CA ALA A 85 2.27 -17.63 -6.27
C ALA A 85 3.08 -16.36 -6.14
N VAL A 86 4.13 -16.26 -6.95
CA VAL A 86 4.96 -15.07 -6.94
C VAL A 86 4.92 -14.47 -8.34
N ALA A 87 4.19 -13.35 -8.48
CA ALA A 87 3.90 -12.73 -9.76
C ALA A 87 3.33 -11.36 -9.48
N PRO A 88 3.13 -10.54 -10.53
CA PRO A 88 2.38 -9.30 -10.28
C PRO A 88 0.90 -9.61 -10.18
N LEU A 89 0.54 -10.30 -9.10
CA LEU A 89 -0.83 -10.76 -8.88
C LEU A 89 -1.54 -9.77 -7.95
N THR A 90 -2.45 -9.01 -8.53
CA THR A 90 -3.08 -7.92 -7.81
C THR A 90 -3.95 -8.41 -6.68
N ILE A 91 -3.80 -7.79 -5.51
CA ILE A 91 -4.61 -8.11 -4.36
C ILE A 91 -5.99 -7.49 -4.52
N THR A 92 -7.01 -8.32 -4.68
CA THR A 92 -8.35 -7.81 -4.91
C THR A 92 -9.33 -8.50 -3.95
N TYR A 93 -10.48 -7.88 -3.78
CA TYR A 93 -11.55 -8.42 -2.96
C TYR A 93 -11.93 -9.84 -3.37
N VAL A 94 -12.23 -10.05 -4.65
CA VAL A 94 -12.68 -11.36 -5.09
C VAL A 94 -11.61 -12.43 -4.88
N ARG A 95 -10.34 -12.05 -5.05
CA ARG A 95 -9.28 -13.05 -4.90
C ARG A 95 -8.99 -13.34 -3.42
N GLU A 96 -9.00 -12.30 -2.59
CA GLU A 96 -8.66 -12.45 -1.19
C GLU A 96 -9.66 -13.36 -0.46
N LYS A 97 -10.89 -13.41 -0.97
CA LYS A 97 -11.87 -14.31 -0.40
C LYS A 97 -11.56 -15.79 -0.64
N VAL A 98 -10.76 -16.11 -1.66
CA VAL A 98 -10.52 -17.51 -1.99
C VAL A 98 -9.09 -18.01 -1.78
N ILE A 99 -8.14 -17.08 -1.66
CA ILE A 99 -6.78 -17.43 -1.27
C ILE A 99 -6.31 -16.46 -0.19
N ASP A 100 -5.14 -16.73 0.40
CA ASP A 100 -4.47 -15.81 1.31
C ASP A 100 -3.32 -15.05 0.62
N PHE A 101 -3.35 -13.73 0.68
CA PHE A 101 -2.26 -12.94 0.13
C PHE A 101 -1.36 -12.49 1.28
N SER A 102 -0.05 -12.45 1.04
CA SER A 102 0.83 -11.73 1.94
C SER A 102 0.52 -10.25 1.82
N LYS A 103 1.09 -9.43 2.71
CA LYS A 103 1.01 -7.99 2.52
C LYS A 103 1.73 -7.63 1.22
N PRO A 104 1.42 -6.48 0.63
CA PRO A 104 1.99 -6.19 -0.69
C PRO A 104 3.51 -5.96 -0.70
N PHE A 105 4.18 -6.49 -1.72
CA PHE A 105 5.59 -6.20 -1.92
C PHE A 105 5.81 -5.02 -2.87
N MET A 106 4.73 -4.55 -3.51
CA MET A 106 4.80 -3.44 -4.43
C MET A 106 3.44 -2.73 -4.46
N THR A 107 3.44 -1.40 -4.55
CA THR A 107 2.21 -0.63 -4.60
CA THR A 107 2.18 -0.67 -4.61
C THR A 107 1.98 -0.14 -6.02
N LEU A 108 0.71 0.07 -6.35
CA LEU A 108 0.36 0.49 -7.71
C LEU A 108 -1.06 1.01 -7.74
N GLY A 109 -1.45 1.53 -8.89
CA GLY A 109 -2.83 1.88 -9.12
C GLY A 109 -3.12 1.80 -10.61
N ILE A 110 -4.39 1.77 -10.97
CA ILE A 110 -4.74 1.82 -12.37
C ILE A 110 -4.45 3.21 -12.90
N SER A 111 -3.83 3.27 -14.07
CA SER A 111 -3.66 4.54 -14.73
C SER A 111 -3.81 4.31 -16.24
N ILE A 112 -3.39 5.29 -17.04
CA ILE A 112 -3.63 5.26 -18.49
C ILE A 112 -2.32 5.26 -19.26
N LEU A 113 -2.15 4.27 -20.16
CA LEU A 113 -1.04 4.30 -21.11
C LEU A 113 -1.52 4.83 -22.45
N TYR A 114 -0.88 5.89 -22.93
CA TYR A 114 -1.28 6.50 -24.21
C TYR A 114 -0.03 7.07 -24.85
N ARG A 115 -0.13 7.51 -26.10
CA ARG A 115 1.05 8.10 -26.74
C ARG A 115 1.21 9.54 -26.26
N LYS A 116 2.42 10.05 -26.32
CA LYS A 116 2.70 11.46 -25.99
C LYS A 116 2.08 12.41 -27.00
N GLY A 117 2.01 13.68 -26.64
CA GLY A 117 1.62 14.73 -27.57
C GLY A 117 0.14 14.99 -27.72
N THR A 118 -0.69 14.31 -26.93
CA THR A 118 -2.13 14.49 -27.04
C THR A 118 -2.63 15.45 -25.97
N PRO A 119 -3.85 15.98 -26.15
CA PRO A 119 -4.38 16.83 -25.08
C PRO A 119 -5.17 16.08 -23.99
N ILE A 120 -5.27 14.75 -24.07
CA ILE A 120 -5.94 13.95 -23.05
C ILE A 120 -5.19 14.04 -21.73
N ASP A 121 -5.90 14.27 -20.64
CA ASP A 121 -5.23 14.51 -19.36
C ASP A 121 -5.77 13.66 -18.21
N SER A 122 -6.85 12.92 -18.44
CA SER A 122 -7.47 12.17 -17.36
C SER A 122 -8.42 11.12 -17.89
N ALA A 123 -8.88 10.24 -17.00
CA ALA A 123 -9.90 9.26 -17.34
C ALA A 123 -11.18 9.95 -17.78
N ASP A 124 -11.51 11.06 -17.13
CA ASP A 124 -12.69 11.85 -17.49
C ASP A 124 -12.67 12.22 -18.96
N ASP A 125 -11.52 12.72 -19.40
CA ASP A 125 -11.32 13.10 -20.79
C ASP A 125 -11.65 11.95 -21.75
N LEU A 126 -11.30 10.73 -21.36
CA LEU A 126 -11.60 9.57 -22.18
C LEU A 126 -13.06 9.19 -22.11
N ALA A 127 -13.61 9.26 -20.89
CA ALA A 127 -14.97 8.81 -20.65
C ALA A 127 -15.98 9.63 -21.44
N LYS A 128 -15.70 10.91 -21.62
CA LYS A 128 -16.71 11.79 -22.19
C LYS A 128 -16.64 11.87 -23.71
N GLN A 129 -15.83 11.01 -24.32
CA GLN A 129 -15.70 10.99 -25.77
C GLN A 129 -15.71 9.55 -26.30
N THR A 130 -15.79 9.39 -27.62
CA THR A 130 -15.87 8.05 -28.22
C THR A 130 -14.91 7.83 -29.39
N LYS A 131 -14.29 8.89 -29.88
CA LYS A 131 -13.33 8.77 -30.99
C LYS A 131 -12.08 7.98 -30.56
N ILE A 132 -11.52 8.32 -29.40
CA ILE A 132 -10.36 7.59 -28.91
C ILE A 132 -10.82 6.31 -28.23
N GLU A 133 -10.35 5.17 -28.73
CA GLU A 133 -10.77 3.90 -28.17
C GLU A 133 -9.93 3.63 -26.92
N TYR A 134 -10.50 2.96 -25.93
CA TYR A 134 -9.73 2.64 -24.73
C TYR A 134 -10.23 1.35 -24.12
N GLY A 135 -9.32 0.62 -23.49
CA GLY A 135 -9.65 -0.67 -22.95
C GLY A 135 -8.62 -1.18 -21.95
N ALA A 136 -8.72 -2.47 -21.66
CA ALA A 136 -7.90 -3.08 -20.64
C ALA A 136 -7.71 -4.54 -21.00
N VAL A 137 -6.85 -5.24 -20.27
CA VAL A 137 -6.67 -6.66 -20.51
C VAL A 137 -7.90 -7.41 -20.05
N ARG A 138 -8.49 -8.19 -20.96
CA ARG A 138 -9.71 -8.95 -20.65
C ARG A 138 -9.52 -9.81 -19.42
N ASP A 139 -10.49 -9.73 -18.50
CA ASP A 139 -10.55 -10.56 -17.28
C ASP A 139 -9.47 -10.26 -16.22
N GLY A 140 -8.64 -9.25 -16.47
CA GLY A 140 -7.63 -8.82 -15.50
C GLY A 140 -8.29 -8.00 -14.40
N SER A 141 -7.58 -7.73 -13.30
CA SER A 141 -8.17 -6.97 -12.20
CA SER A 141 -8.18 -6.98 -12.20
C SER A 141 -8.56 -5.55 -12.60
N THR A 142 -7.89 -5.02 -13.61
CA THR A 142 -8.24 -3.68 -14.09
C THR A 142 -9.63 -3.69 -14.72
N MET A 143 -9.88 -4.64 -15.61
CA MET A 143 -11.19 -4.75 -16.25
C MET A 143 -12.27 -4.99 -15.19
N THR A 144 -11.96 -5.84 -14.24
CA THR A 144 -12.92 -6.14 -13.18
C THR A 144 -13.25 -4.89 -12.37
N PHE A 145 -12.25 -4.04 -12.16
CA PHE A 145 -12.48 -2.78 -11.44
C PHE A 145 -13.56 -1.98 -12.14
N PHE A 146 -13.41 -1.80 -13.46
CA PHE A 146 -14.41 -1.02 -14.19
C PHE A 146 -15.76 -1.72 -14.22
N LYS A 147 -15.72 -3.05 -14.37
CA LYS A 147 -16.95 -3.82 -14.39
C LYS A 147 -17.76 -3.60 -13.13
N LYS A 148 -17.08 -3.56 -11.98
CA LYS A 148 -17.77 -3.52 -10.70
C LYS A 148 -18.00 -2.10 -10.15
N SER A 149 -17.38 -1.10 -10.76
CA SER A 149 -17.48 0.25 -10.21
C SER A 149 -18.88 0.84 -10.35
N LYS A 150 -19.28 1.59 -9.34
CA LYS A 150 -20.54 2.33 -9.37
C LYS A 150 -20.26 3.83 -9.53
N ILE A 151 -18.99 4.19 -9.69
CA ILE A 151 -18.64 5.58 -9.94
C ILE A 151 -19.08 5.92 -11.37
N SER A 152 -19.67 7.10 -11.54
CA SER A 152 -20.33 7.46 -12.77
C SER A 152 -19.40 7.41 -13.97
N THR A 153 -18.24 8.04 -13.86
CA THR A 153 -17.25 8.05 -14.91
C THR A 153 -16.79 6.63 -15.26
N TYR A 154 -16.60 5.80 -14.25
CA TYR A 154 -16.09 4.46 -14.48
C TYR A 154 -17.15 3.53 -15.06
N GLU A 155 -18.43 3.78 -14.73
CA GLU A 155 -19.53 3.01 -15.31
C GLU A 155 -19.64 3.32 -16.79
N LYS A 156 -19.42 4.59 -17.13
CA LYS A 156 -19.48 5.02 -18.52
C LYS A 156 -18.36 4.37 -19.31
N MET A 157 -17.20 4.28 -18.69
CA MET A 157 -16.05 3.64 -19.32
C MET A 157 -16.30 2.14 -19.48
N TRP A 158 -16.91 1.52 -18.47
CA TRP A 158 -17.23 0.10 -18.59
C TRP A 158 -18.22 -0.16 -19.71
N ALA A 159 -19.20 0.73 -19.85
CA ALA A 159 -20.15 0.62 -20.96
C ALA A 159 -19.41 0.67 -22.30
N PHE A 160 -18.48 1.61 -22.44
CA PHE A 160 -17.71 1.66 -23.67
C PHE A 160 -16.89 0.38 -23.91
N MET A 161 -16.09 -0.01 -22.93
CA MET A 161 -15.21 -1.18 -23.03
C MET A 161 -15.93 -2.46 -23.38
N SER A 162 -17.14 -2.62 -22.87
CA SER A 162 -17.88 -3.86 -23.06
C SER A 162 -18.76 -3.83 -24.29
N SER A 163 -18.92 -2.65 -24.89
CA SER A 163 -19.70 -2.53 -26.11
C SER A 163 -18.99 -3.25 -27.25
N ARG A 164 -19.74 -3.53 -28.31
CA ARG A 164 -19.21 -4.19 -29.51
C ARG A 164 -18.46 -5.49 -29.19
N GLN A 165 -19.07 -6.28 -28.32
CA GLN A 165 -18.52 -7.55 -27.87
C GLN A 165 -17.09 -7.44 -27.36
N GLN A 166 -16.84 -6.38 -26.58
CA GLN A 166 -15.56 -6.14 -25.92
C GLN A 166 -14.38 -6.00 -26.89
N SER A 167 -14.61 -5.47 -28.09
CA SER A 167 -13.51 -5.28 -29.03
C SER A 167 -12.46 -4.26 -28.55
N ALA A 168 -12.82 -3.44 -27.57
CA ALA A 168 -11.87 -2.49 -26.96
C ALA A 168 -10.90 -3.17 -25.96
N LEU A 169 -11.19 -4.42 -25.60
CA LEU A 169 -10.33 -5.14 -24.68
C LEU A 169 -9.21 -5.83 -25.45
N VAL A 170 -8.13 -6.18 -24.75
CA VAL A 170 -7.04 -6.94 -25.34
C VAL A 170 -6.78 -8.18 -24.52
N LYS A 171 -6.11 -9.17 -25.11
CA LYS A 171 -5.90 -10.44 -24.43
C LYS A 171 -4.73 -10.39 -23.46
N ASN A 172 -3.77 -9.51 -23.72
CA ASN A 172 -2.61 -9.40 -22.84
C ASN A 172 -1.95 -8.04 -22.99
N SER A 173 -1.08 -7.71 -22.05
CA SER A 173 -0.46 -6.39 -22.02
C SER A 173 0.35 -6.07 -23.28
N ASP A 174 1.16 -7.03 -23.74
CA ASP A 174 1.92 -6.82 -25.00
C ASP A 174 1.00 -6.39 -26.15
N GLU A 175 -0.13 -7.07 -26.30
CA GLU A 175 -1.11 -6.67 -27.32
C GLU A 175 -1.60 -5.24 -27.10
N GLY A 176 -1.95 -4.91 -25.87
CA GLY A 176 -2.37 -3.55 -25.54
C GLY A 176 -1.31 -2.54 -25.96
N ILE A 177 -0.06 -2.81 -25.60
CA ILE A 177 1.05 -1.91 -25.91
C ILE A 177 1.17 -1.65 -27.40
N GLN A 178 1.10 -2.71 -28.21
CA GLN A 178 1.19 -2.55 -29.66
C GLN A 178 0.00 -1.76 -30.17
N ARG A 179 -1.17 -1.99 -29.57
CA ARG A 179 -2.37 -1.27 -29.99
C ARG A 179 -2.22 0.23 -29.75
N VAL A 180 -1.62 0.59 -28.61
CA VAL A 180 -1.39 2.00 -28.27
C VAL A 180 -0.40 2.65 -29.24
N LEU A 181 0.68 1.93 -29.56
CA LEU A 181 1.70 2.43 -30.47
C LEU A 181 1.18 2.65 -31.90
N THR A 182 0.27 1.80 -32.34
CA THR A 182 -0.12 1.76 -33.74
C THR A 182 -1.38 2.54 -34.04
N THR A 183 -2.33 2.53 -33.11
CA THR A 183 -3.65 3.06 -33.42
C THR A 183 -4.03 4.12 -32.40
N ASP A 184 -5.21 4.69 -32.56
CA ASP A 184 -5.67 5.68 -31.59
C ASP A 184 -6.35 4.97 -30.43
N TYR A 185 -5.54 4.54 -29.46
CA TYR A 185 -6.00 3.65 -28.41
C TYR A 185 -5.28 3.94 -27.11
N ALA A 186 -6.01 3.94 -25.99
CA ALA A 186 -5.39 4.12 -24.69
C ALA A 186 -5.66 2.88 -23.88
N LEU A 187 -4.65 2.42 -23.16
CA LEU A 187 -4.77 1.17 -22.42
C LEU A 187 -4.85 1.49 -20.94
N LEU A 188 -5.90 1.05 -20.27
CA LEU A 188 -5.96 1.15 -18.81
C LEU A 188 -5.06 0.06 -18.25
N MET A 189 -4.02 0.47 -17.51
CA MET A 189 -2.93 -0.44 -17.15
C MET A 189 -2.39 -0.10 -15.76
N GLU A 190 -1.88 -1.11 -15.08
CA GLU A 190 -1.32 -0.91 -13.76
C GLU A 190 -0.08 -0.02 -13.83
N SER A 191 -0.04 0.96 -12.93
CA SER A 191 0.95 2.03 -13.01
C SER A 191 2.39 1.53 -13.05
N THR A 192 2.67 0.48 -12.29
CA THR A 192 4.02 -0.09 -12.30
C THR A 192 4.39 -0.59 -13.70
N SER A 193 3.43 -1.17 -14.40
CA SER A 193 3.71 -1.63 -15.74
C SER A 193 3.88 -0.45 -16.70
N ILE A 194 3.08 0.59 -16.52
CA ILE A 194 3.23 1.81 -17.33
C ILE A 194 4.65 2.38 -17.18
N GLU A 195 5.11 2.47 -15.94
CA GLU A 195 6.46 2.94 -15.62
C GLU A 195 7.50 2.17 -16.43
N TYR A 196 7.37 0.85 -16.44
CA TYR A 196 8.31 0.01 -17.15
C TYR A 196 8.23 0.26 -18.66
N VAL A 197 7.02 0.33 -19.19
CA VAL A 197 6.83 0.51 -20.61
C VAL A 197 7.35 1.86 -21.12
N THR A 198 7.11 2.92 -20.36
CA THR A 198 7.45 4.26 -20.83
C THR A 198 8.95 4.56 -20.73
N GLN A 199 9.68 3.78 -19.91
CA GLN A 199 11.14 3.84 -19.92
C GLN A 199 11.70 3.24 -21.21
N ARG A 200 10.92 2.38 -21.85
CA ARG A 200 11.40 1.62 -23.00
C ARG A 200 10.76 2.04 -24.34
N ASN A 201 9.68 2.81 -24.25
CA ASN A 201 8.98 3.30 -25.43
C ASN A 201 8.81 4.79 -25.25
N CYS A 202 9.69 5.56 -25.87
CA CYS A 202 9.77 6.99 -25.58
C CYS A 202 8.67 7.82 -26.27
N ASN A 203 7.83 7.14 -27.05
CA ASN A 203 6.66 7.80 -27.63
C ASN A 203 5.43 7.63 -26.73
N LEU A 204 5.56 6.83 -25.67
CA LEU A 204 4.43 6.56 -24.77
C LEU A 204 4.55 7.29 -23.45
N THR A 205 3.41 7.58 -22.83
CA THR A 205 3.41 8.19 -21.50
C THR A 205 2.21 7.74 -20.70
N GLN A 206 2.25 8.02 -19.40
CA GLN A 206 1.12 7.84 -18.52
C GLN A 206 0.27 9.11 -18.61
N ILE A 207 -1.05 8.94 -18.63
CA ILE A 207 -1.96 10.08 -18.62
C ILE A 207 -2.64 10.13 -17.26
N GLY A 208 -2.59 11.28 -16.60
CA GLY A 208 -3.26 11.47 -15.33
C GLY A 208 -2.59 10.70 -14.20
N GLY A 209 -3.28 10.61 -13.07
CA GLY A 209 -2.73 9.96 -11.90
C GLY A 209 -3.23 8.54 -11.77
N LEU A 210 -3.11 7.97 -10.57
CA LEU A 210 -3.65 6.65 -10.29
C LEU A 210 -5.10 6.86 -9.94
N ILE A 211 -5.99 6.02 -10.46
CA ILE A 211 -7.40 6.17 -10.12
C ILE A 211 -7.82 5.28 -8.96
N ASP A 212 -6.95 4.36 -8.57
CA ASP A 212 -7.17 3.60 -7.33
C ASP A 212 -5.85 3.28 -6.66
N SER A 213 -5.88 2.42 -5.66
CA SER A 213 -4.69 2.16 -4.87
C SER A 213 -4.70 0.70 -4.43
N LYS A 214 -3.68 -0.06 -4.82
CA LYS A 214 -3.63 -1.46 -4.44
C LYS A 214 -2.21 -1.98 -4.50
N GLY A 215 -2.06 -3.29 -4.39
CA GLY A 215 -0.74 -3.88 -4.35
C GLY A 215 -0.66 -5.26 -4.94
N TYR A 216 0.56 -5.71 -5.21
CA TYR A 216 0.82 -7.10 -5.56
C TYR A 216 1.23 -7.80 -4.29
N GLY A 217 0.72 -9.00 -4.07
CA GLY A 217 1.15 -9.78 -2.91
C GLY A 217 1.46 -11.22 -3.30
N VAL A 218 2.23 -11.90 -2.47
CA VAL A 218 2.47 -13.32 -2.69
C VAL A 218 1.20 -14.08 -2.35
N GLY A 219 0.75 -14.93 -3.25
CA GLY A 219 -0.43 -15.72 -2.98
C GLY A 219 -0.08 -17.05 -2.33
N THR A 220 -0.88 -17.45 -1.34
CA THR A 220 -0.78 -18.78 -0.77
C THR A 220 -2.18 -19.37 -0.62
N PRO A 221 -2.29 -20.70 -0.50
CA PRO A 221 -3.60 -21.28 -0.25
C PRO A 221 -4.15 -20.81 1.09
N ILE A 222 -5.47 -20.70 1.21
CA ILE A 222 -6.06 -20.32 2.49
C ILE A 222 -5.54 -21.24 3.59
N GLY A 223 -5.08 -20.63 4.68
CA GLY A 223 -4.65 -21.37 5.84
C GLY A 223 -3.18 -21.74 5.79
N SER A 224 -2.48 -21.34 4.74
CA SER A 224 -1.07 -21.67 4.62
C SER A 224 -0.28 -21.08 5.78
N PRO A 225 0.70 -21.83 6.29
CA PRO A 225 1.56 -21.28 7.35
C PRO A 225 2.67 -20.40 6.81
N TYR A 226 2.82 -20.30 5.49
CA TYR A 226 3.86 -19.44 4.93
C TYR A 226 3.43 -17.99 4.80
N ARG A 227 2.13 -17.74 4.80
CA ARG A 227 1.61 -16.42 4.48
C ARG A 227 2.12 -15.35 5.45
N ASP A 228 1.91 -15.53 6.74
CA ASP A 228 2.36 -14.54 7.71
C ASP A 228 3.89 -14.40 7.73
N LYS A 229 4.58 -15.52 7.64
CA LYS A 229 6.03 -15.51 7.56
C LYS A 229 6.53 -14.68 6.37
N ILE A 230 5.88 -14.85 5.22
CA ILE A 230 6.29 -14.12 4.03
C ILE A 230 5.98 -12.63 4.17
N THR A 231 4.86 -12.32 4.81
CA THR A 231 4.51 -10.92 5.09
C THR A 231 5.60 -10.23 5.92
N ILE A 232 6.08 -10.94 6.94
CA ILE A 232 7.09 -10.37 7.82
C ILE A 232 8.41 -10.21 7.07
N ALA A 233 8.75 -11.18 6.23
CA ALA A 233 9.95 -11.11 5.41
C ALA A 233 9.86 -9.94 4.43
N ILE A 234 8.68 -9.72 3.86
CA ILE A 234 8.47 -8.59 2.96
C ILE A 234 8.66 -7.25 3.66
N LEU A 235 8.12 -7.12 4.87
CA LEU A 235 8.27 -5.90 5.65
C LEU A 235 9.75 -5.62 5.96
N GLN A 236 10.47 -6.68 6.31
CA GLN A 236 11.90 -6.56 6.57
C GLN A 236 12.65 -6.09 5.32
N LEU A 237 12.41 -6.73 4.18
CA LEU A 237 13.02 -6.33 2.91
C LEU A 237 12.66 -4.88 2.60
N GLN A 238 11.43 -4.48 2.90
CA GLN A 238 11.00 -3.12 2.61
C GLN A 238 11.76 -2.09 3.44
N GLU A 239 11.83 -2.34 4.74
CA GLU A 239 12.43 -1.39 5.66
C GLU A 239 13.95 -1.30 5.49
N GLU A 240 14.54 -2.36 4.94
CA GLU A 240 15.97 -2.35 4.65
C GLU A 240 16.26 -1.69 3.31
N GLY A 241 15.19 -1.36 2.58
CA GLY A 241 15.30 -0.71 1.28
C GLY A 241 15.63 -1.63 0.11
N LYS A 242 15.54 -2.93 0.32
CA LYS A 242 15.91 -3.87 -0.74
C LYS A 242 14.83 -3.98 -1.83
N LEU A 243 13.56 -3.82 -1.46
CA LEU A 243 12.49 -3.81 -2.46
C LEU A 243 12.64 -2.60 -3.37
N HIS A 244 13.01 -1.47 -2.78
CA HIS A 244 13.25 -0.28 -3.58
C HIS A 244 14.42 -0.54 -4.54
N MET A 245 15.50 -1.12 -4.03
CA MET A 245 16.65 -1.46 -4.87
C MET A 245 16.24 -2.43 -5.96
N MET A 246 15.41 -3.40 -5.61
CA MET A 246 15.03 -4.41 -6.58
C MET A 246 14.22 -3.79 -7.70
N LYS A 247 13.32 -2.87 -7.34
CA LYS A 247 12.53 -2.22 -8.37
C LYS A 247 13.43 -1.40 -9.30
N GLU A 248 14.35 -0.64 -8.74
CA GLU A 248 15.23 0.21 -9.55
C GLU A 248 16.00 -0.64 -10.54
N LYS A 249 16.50 -1.79 -10.07
CA LYS A 249 17.26 -2.71 -10.89
C LYS A 249 16.53 -3.12 -12.15
N TRP A 250 15.25 -3.46 -12.01
CA TRP A 250 14.51 -4.03 -13.12
C TRP A 250 13.75 -3.02 -13.96
N TRP A 251 13.52 -1.85 -13.40
CA TRP A 251 12.86 -0.76 -14.12
C TRP A 251 13.91 0.18 -14.69
N THR B 5 -20.01 -7.75 20.54
CA THR B 5 -19.49 -6.40 20.75
C THR B 5 -17.97 -6.36 20.91
N LEU B 6 -17.29 -5.86 19.89
CA LEU B 6 -15.84 -5.76 19.93
C LEU B 6 -15.36 -4.50 20.69
N ILE B 7 -14.25 -4.65 21.42
CA ILE B 7 -13.58 -3.52 22.03
C ILE B 7 -12.58 -3.00 21.03
N VAL B 8 -12.72 -1.72 20.69
CA VAL B 8 -11.77 -1.09 19.77
C VAL B 8 -10.90 -0.11 20.51
N THR B 9 -9.59 -0.38 20.53
CA THR B 9 -8.66 0.56 21.11
C THR B 9 -8.26 1.58 20.04
N THR B 10 -8.06 2.83 20.46
CA THR B 10 -7.70 3.88 19.51
C THR B 10 -6.98 5.00 20.26
N ILE B 11 -6.70 6.11 19.58
CA ILE B 11 -5.93 7.16 20.19
C ILE B 11 -6.36 8.47 19.53
N LEU B 12 -6.34 9.57 20.28
CA LEU B 12 -6.68 10.86 19.68
C LEU B 12 -5.59 11.29 18.70
N GLU B 13 -5.95 11.51 17.45
CA GLU B 13 -4.99 11.98 16.45
C GLU B 13 -5.80 12.55 15.29
N GLU B 14 -5.62 13.84 15.00
CA GLU B 14 -6.36 14.50 13.90
C GLU B 14 -5.80 14.03 12.57
N PRO B 15 -6.67 13.77 11.58
CA PRO B 15 -8.13 13.84 11.66
C PRO B 15 -8.74 12.45 11.79
N TYR B 16 -7.94 11.50 12.27
CA TYR B 16 -8.38 10.12 12.37
C TYR B 16 -9.42 9.90 13.47
N VAL B 17 -9.07 10.34 14.67
CA VAL B 17 -9.95 10.22 15.83
C VAL B 17 -9.91 11.51 16.66
N MET B 18 -11.05 12.19 16.75
CA MET B 18 -11.11 13.47 17.44
C MET B 18 -12.31 13.52 18.37
N TYR B 19 -12.20 14.30 19.44
CA TYR B 19 -13.37 14.61 20.25
C TYR B 19 -14.33 15.44 19.41
N ARG B 20 -15.57 14.99 19.33
CA ARG B 20 -16.63 15.70 18.66
C ARG B 20 -16.86 17.04 19.37
N LYS B 21 -17.30 18.05 18.65
CA LYS B 21 -17.60 19.36 19.27
C LYS B 21 -19.06 19.47 19.66
N SER B 22 -19.31 19.81 20.93
CA SER B 22 -20.67 19.89 21.45
C SER B 22 -20.70 20.73 22.73
N ASP B 23 -21.89 21.19 23.12
CA ASP B 23 -22.04 22.02 24.31
C ASP B 23 -22.37 21.19 25.53
N LYS B 24 -22.63 19.91 25.32
CA LYS B 24 -22.96 18.99 26.40
C LYS B 24 -21.82 17.99 26.57
N PRO B 25 -21.68 17.42 27.78
CA PRO B 25 -20.71 16.35 27.97
C PRO B 25 -21.07 15.16 27.08
N LEU B 26 -20.06 14.50 26.50
CA LEU B 26 -20.30 13.36 25.61
C LEU B 26 -19.93 12.01 26.26
N TYR B 27 -20.59 10.94 25.83
CA TYR B 27 -20.32 9.62 26.39
C TYR B 27 -20.18 8.57 25.29
N GLY B 28 -19.41 7.53 25.58
CA GLY B 28 -19.28 6.39 24.69
C GLY B 28 -18.74 6.76 23.33
N ASN B 29 -19.18 6.04 22.30
CA ASN B 29 -18.68 6.28 20.94
C ASN B 29 -19.01 7.67 20.43
N ASP B 30 -20.11 8.24 20.94
CA ASP B 30 -20.57 9.58 20.60
C ASP B 30 -19.54 10.66 20.95
N ARG B 31 -18.56 10.32 21.78
CA ARG B 31 -17.46 11.23 22.07
C ARG B 31 -16.62 11.57 20.84
N PHE B 32 -16.62 10.68 19.84
CA PHE B 32 -15.60 10.75 18.79
C PHE B 32 -16.13 10.98 17.39
N GLU B 33 -15.30 11.56 16.53
CA GLU B 33 -15.54 11.59 15.09
C GLU B 33 -14.21 11.58 14.37
N GLY B 34 -14.25 11.33 13.06
CA GLY B 34 -13.04 11.38 12.26
C GLY B 34 -12.99 10.23 11.29
N TYR B 35 -11.90 10.19 10.53
CA TYR B 35 -11.74 9.20 9.48
C TYR B 35 -11.87 7.79 10.03
N CYS B 36 -11.21 7.52 11.15
CA CYS B 36 -11.21 6.16 11.68
C CYS B 36 -12.56 5.73 12.19
N LEU B 37 -13.38 6.69 12.60
CA LEU B 37 -14.70 6.37 13.11
C LEU B 37 -15.58 6.02 11.92
N ASP B 38 -15.43 6.79 10.84
CA ASP B 38 -16.16 6.50 9.61
C ASP B 38 -15.76 5.14 9.08
N LEU B 39 -14.48 4.79 9.24
CA LEU B 39 -13.98 3.51 8.77
C LEU B 39 -14.61 2.39 9.57
N LEU B 40 -14.62 2.57 10.88
CA LEU B 40 -15.15 1.57 11.80
C LEU B 40 -16.65 1.36 11.56
N LYS B 41 -17.35 2.44 11.24
CA LYS B 41 -18.76 2.33 10.87
C LYS B 41 -18.96 1.49 9.59
N GLU B 42 -18.19 1.77 8.54
CA GLU B 42 -18.26 0.98 7.32
C GLU B 42 -17.91 -0.49 7.55
N LEU B 43 -16.92 -0.73 8.39
CA LEU B 43 -16.48 -2.08 8.68
C LEU B 43 -17.54 -2.87 9.45
N SER B 44 -18.20 -2.20 10.39
CA SER B 44 -19.26 -2.86 11.16
C SER B 44 -20.47 -3.13 10.28
N ASN B 45 -20.76 -2.23 9.36
CA ASN B 45 -21.88 -2.43 8.45
C ASN B 45 -21.66 -3.62 7.53
N ILE B 46 -20.42 -3.84 7.13
CA ILE B 46 -20.08 -4.94 6.23
C ILE B 46 -20.03 -6.24 7.00
N LEU B 47 -19.39 -6.23 8.16
CA LEU B 47 -19.18 -7.48 8.91
C LEU B 47 -20.28 -7.76 9.92
N GLY B 48 -21.05 -6.74 10.29
CA GLY B 48 -22.10 -6.91 11.27
C GLY B 48 -21.62 -7.17 12.69
N PHE B 49 -20.74 -6.32 13.20
CA PHE B 49 -20.37 -6.41 14.61
C PHE B 49 -20.72 -5.11 15.32
N LEU B 50 -20.92 -5.17 16.63
CA LEU B 50 -21.05 -3.95 17.43
C LEU B 50 -19.70 -3.61 18.03
N TYR B 51 -19.51 -2.36 18.43
CA TYR B 51 -18.19 -1.96 18.91
C TYR B 51 -18.20 -0.89 19.97
N ASP B 52 -17.29 -1.04 20.91
CA ASP B 52 -17.09 -0.09 22.00
CA ASP B 52 -17.10 -0.06 21.98
C ASP B 52 -15.72 0.56 21.81
N VAL B 53 -15.69 1.85 21.49
CA VAL B 53 -14.43 2.55 21.28
C VAL B 53 -13.82 2.99 22.61
N LYS B 54 -12.56 2.63 22.84
CA LYS B 54 -11.87 2.97 24.08
C LYS B 54 -10.49 3.53 23.80
N LEU B 55 -10.24 4.74 24.29
CA LEU B 55 -8.90 5.33 24.19
C LEU B 55 -7.87 4.47 24.92
N VAL B 56 -6.70 4.30 24.32
CA VAL B 56 -5.67 3.46 24.89
C VAL B 56 -5.15 4.14 26.16
N PRO B 57 -5.18 3.41 27.29
CA PRO B 57 -4.94 4.02 28.61
C PRO B 57 -3.63 4.79 28.68
N ASP B 58 -2.53 4.24 28.17
CA ASP B 58 -1.25 4.93 28.24
C ASP B 58 -1.00 5.95 27.12
N GLY B 59 -1.99 6.12 26.25
CA GLY B 59 -1.91 7.13 25.19
C GLY B 59 -0.76 6.93 24.22
N LYS B 60 -0.36 5.68 24.00
CA LYS B 60 0.75 5.40 23.11
C LYS B 60 0.34 4.49 21.96
N TYR B 61 1.11 4.52 20.88
CA TYR B 61 0.86 3.68 19.71
C TYR B 61 1.33 2.24 19.91
N GLY B 62 2.60 2.08 20.25
CA GLY B 62 3.15 0.77 20.49
C GLY B 62 4.61 0.67 20.09
N ALA B 63 5.50 0.66 21.08
CA ALA B 63 6.91 0.48 20.83
C ALA B 63 7.52 -0.45 21.88
N GLN B 64 8.73 -0.94 21.62
CA GLN B 64 9.46 -1.79 22.56
C GLN B 64 10.43 -1.00 23.42
N ASN B 65 10.63 -1.44 24.66
CA ASN B 65 11.73 -0.93 25.48
C ASN B 65 12.94 -1.86 25.40
N ASP B 66 13.99 -1.52 26.15
CA ASP B 66 15.23 -2.30 26.16
C ASP B 66 14.98 -3.78 26.44
N LYS B 67 14.08 -4.05 27.36
CA LYS B 67 13.79 -5.40 27.84
C LYS B 67 12.85 -6.17 26.91
N GLY B 68 12.33 -5.49 25.88
CA GLY B 68 11.53 -6.14 24.86
C GLY B 68 10.04 -6.09 25.13
N GLU B 69 9.63 -5.28 26.10
CA GLU B 69 8.23 -5.16 26.50
C GLU B 69 7.50 -4.13 25.63
N TRP B 70 6.24 -4.41 25.31
CA TRP B 70 5.44 -3.53 24.47
C TRP B 70 4.49 -2.64 25.28
N ASN B 71 4.13 -1.49 24.70
CA ASN B 71 3.14 -0.61 25.31
C ASN B 71 2.06 -0.23 24.31
N GLY B 72 1.22 0.74 24.69
CA GLY B 72 0.27 1.32 23.76
C GLY B 72 -0.80 0.38 23.20
N MET B 73 -1.35 0.76 22.06
CA MET B 73 -2.37 -0.04 21.40
C MET B 73 -1.86 -1.42 21.07
N VAL B 74 -0.59 -1.53 20.70
CA VAL B 74 -0.02 -2.84 20.37
C VAL B 74 -0.11 -3.77 21.59
N LYS B 75 0.25 -3.24 22.76
CA LYS B 75 0.15 -4.00 24.02
C LYS B 75 -1.29 -4.38 24.35
N GLU B 76 -2.22 -3.46 24.11
CA GLU B 76 -3.64 -3.75 24.36
C GLU B 76 -4.13 -4.99 23.61
N LEU B 77 -3.64 -5.15 22.38
CA LEU B 77 -4.06 -6.27 21.54
C LEU B 77 -3.41 -7.54 22.05
N ILE B 78 -2.11 -7.46 22.30
CA ILE B 78 -1.34 -8.60 22.78
C ILE B 78 -1.98 -9.18 24.05
N ASP B 79 -2.52 -8.32 24.90
CA ASP B 79 -3.08 -8.77 26.17
C ASP B 79 -4.56 -9.09 26.08
N HIS B 80 -5.12 -8.95 24.88
CA HIS B 80 -6.54 -9.16 24.64
C HIS B 80 -7.46 -8.21 25.43
N ARG B 81 -7.00 -6.98 25.62
CA ARG B 81 -7.88 -5.98 26.21
C ARG B 81 -8.66 -5.26 25.13
N ALA B 82 -8.26 -5.46 23.88
CA ALA B 82 -9.03 -4.99 22.75
C ALA B 82 -9.05 -6.03 21.64
N ASP B 83 -10.08 -5.97 20.80
CA ASP B 83 -10.20 -6.85 19.65
C ASP B 83 -9.62 -6.23 18.37
N LEU B 84 -9.76 -4.92 18.24
CA LEU B 84 -9.21 -4.19 17.09
C LEU B 84 -8.51 -2.94 17.54
N ALA B 85 -7.49 -2.52 16.78
CA ALA B 85 -6.92 -1.19 16.93
C ALA B 85 -7.20 -0.43 15.63
N VAL B 86 -7.93 0.68 15.75
CA VAL B 86 -8.29 1.47 14.58
C VAL B 86 -7.77 2.87 14.78
N ALA B 87 -6.73 3.21 14.03
CA ALA B 87 -5.92 4.39 14.30
C ALA B 87 -4.92 4.48 13.18
N PRO B 88 -4.18 5.62 13.08
CA PRO B 88 -3.09 5.63 12.10
C PRO B 88 -1.87 4.82 12.61
N LEU B 89 -2.09 3.52 12.77
CA LEU B 89 -1.07 2.61 13.28
C LEU B 89 -0.25 2.04 12.14
N THR B 90 0.98 2.53 12.02
CA THR B 90 1.85 2.15 10.93
C THR B 90 2.19 0.65 10.95
N ILE B 91 2.02 -0.02 9.81
CA ILE B 91 2.42 -1.41 9.66
C ILE B 91 3.93 -1.49 9.52
N THR B 92 4.59 -2.06 10.52
CA THR B 92 6.04 -2.17 10.53
C THR B 92 6.45 -3.60 10.83
N TYR B 93 7.67 -3.94 10.44
CA TYR B 93 8.26 -5.23 10.74
C TYR B 93 8.10 -5.62 12.21
N VAL B 94 8.56 -4.76 13.11
CA VAL B 94 8.55 -5.11 14.55
C VAL B 94 7.14 -5.31 15.11
N ARG B 95 6.21 -4.48 14.67
CA ARG B 95 4.82 -4.63 15.13
C ARG B 95 4.15 -5.87 14.54
N GLU B 96 4.41 -6.14 13.26
CA GLU B 96 3.74 -7.25 12.58
C GLU B 96 4.14 -8.61 13.16
N LYS B 97 5.31 -8.69 13.77
CA LYS B 97 5.74 -9.89 14.47
C LYS B 97 4.95 -10.16 15.76
N VAL B 98 4.29 -9.13 16.31
CA VAL B 98 3.57 -9.32 17.57
C VAL B 98 2.07 -9.14 17.51
N ILE B 99 1.56 -8.56 16.43
CA ILE B 99 0.12 -8.54 16.20
C ILE B 99 -0.19 -8.96 14.75
N ASP B 100 -1.45 -9.23 14.47
CA ASP B 100 -1.90 -9.50 13.10
C ASP B 100 -2.56 -8.26 12.48
N PHE B 101 -1.84 -7.60 11.60
CA PHE B 101 -2.38 -6.43 10.89
C PHE B 101 -3.30 -6.86 9.75
N SER B 102 -4.37 -6.11 9.56
CA SER B 102 -5.14 -6.22 8.32
C SER B 102 -4.29 -5.66 7.19
N LYS B 103 -4.73 -5.84 5.96
CA LYS B 103 -4.07 -5.15 4.87
C LYS B 103 -4.33 -3.65 5.01
N PRO B 104 -3.46 -2.81 4.40
CA PRO B 104 -3.54 -1.37 4.65
C PRO B 104 -4.85 -0.68 4.18
N PHE B 105 -5.37 0.24 4.97
CA PHE B 105 -6.50 1.04 4.51
C PHE B 105 -6.05 2.41 3.98
N MET B 106 -4.77 2.72 4.15
CA MET B 106 -4.23 3.99 3.66
C MET B 106 -2.74 3.82 3.45
N THR B 107 -2.23 4.42 2.38
CA THR B 107 -0.80 4.39 2.07
CA THR B 107 -0.80 4.38 2.08
C THR B 107 -0.15 5.72 2.43
N LEU B 108 1.15 5.68 2.69
CA LEU B 108 1.87 6.87 3.11
C LEU B 108 3.36 6.59 3.02
N GLY B 109 4.15 7.60 3.34
CA GLY B 109 5.59 7.43 3.44
C GLY B 109 6.10 8.53 4.38
N ILE B 110 7.32 8.39 4.86
CA ILE B 110 7.95 9.43 5.65
C ILE B 110 8.31 10.59 4.73
N SER B 111 7.97 11.81 5.13
CA SER B 111 8.44 12.97 4.40
C SER B 111 8.82 14.11 5.37
N ILE B 112 9.01 15.31 4.85
CA ILE B 112 9.50 16.44 5.66
C ILE B 112 8.48 17.56 5.74
N LEU B 113 8.16 17.99 6.96
CA LEU B 113 7.33 19.16 7.18
C LEU B 113 8.22 20.34 7.52
N TYR B 114 7.95 21.49 6.90
CA TYR B 114 8.83 22.65 7.07
C TYR B 114 8.10 23.92 6.71
N ARG B 115 8.63 25.07 7.10
CA ARG B 115 7.99 26.33 6.73
C ARG B 115 8.25 26.65 5.25
N LYS B 116 7.33 27.41 4.67
CA LYS B 116 7.51 27.88 3.30
C LYS B 116 8.66 28.87 3.17
N GLY B 117 9.25 28.96 1.98
CA GLY B 117 10.15 30.05 1.66
C GLY B 117 11.62 29.73 1.54
N THR B 118 11.97 28.46 1.61
CA THR B 118 13.38 28.08 1.75
C THR B 118 13.87 27.25 0.56
N PRO B 119 15.20 27.16 0.38
CA PRO B 119 15.75 26.37 -0.72
C PRO B 119 15.84 24.89 -0.40
N ILE B 120 15.44 24.50 0.80
CA ILE B 120 15.55 23.09 1.17
C ILE B 120 14.58 22.28 0.30
N ASP B 121 15.05 21.17 -0.24
CA ASP B 121 14.23 20.42 -1.17
C ASP B 121 14.26 18.91 -0.95
N SER B 122 15.14 18.45 -0.08
CA SER B 122 15.25 17.01 0.14
C SER B 122 15.78 16.71 1.53
N ALA B 123 15.79 15.42 1.89
CA ALA B 123 16.41 14.98 3.13
C ALA B 123 17.93 15.18 3.09
N ASP B 124 18.53 15.01 1.91
CA ASP B 124 19.96 15.19 1.75
C ASP B 124 20.38 16.62 2.07
N ASP B 125 19.52 17.57 1.75
CA ASP B 125 19.78 18.96 2.10
C ASP B 125 19.90 19.14 3.61
N LEU B 126 19.18 18.33 4.38
CA LEU B 126 19.21 18.45 5.84
C LEU B 126 20.42 17.73 6.41
N ALA B 127 20.65 16.51 5.93
CA ALA B 127 21.72 15.65 6.46
C ALA B 127 23.11 16.25 6.28
N LYS B 128 23.27 17.11 5.28
CA LYS B 128 24.57 17.68 4.97
C LYS B 128 24.74 19.08 5.55
N GLN B 129 23.94 19.39 6.57
CA GLN B 129 24.12 20.62 7.32
C GLN B 129 23.70 20.43 8.77
N THR B 130 23.98 21.43 9.61
CA THR B 130 23.66 21.33 11.03
C THR B 130 22.95 22.57 11.56
N LYS B 131 22.89 23.62 10.76
CA LYS B 131 22.21 24.84 11.18
C LYS B 131 20.71 24.61 11.34
N ILE B 132 20.12 23.86 10.42
CA ILE B 132 18.70 23.52 10.52
C ILE B 132 18.52 22.26 11.36
N GLU B 133 17.81 22.40 12.47
CA GLU B 133 17.50 21.26 13.32
C GLU B 133 16.38 20.45 12.69
N TYR B 134 16.42 19.14 12.90
CA TYR B 134 15.34 18.30 12.42
C TYR B 134 15.18 17.06 13.28
N GLY B 135 13.95 16.58 13.43
CA GLY B 135 13.72 15.38 14.20
C GLY B 135 12.40 14.71 13.89
N ALA B 136 11.91 13.93 14.83
CA ALA B 136 10.71 13.11 14.64
C ALA B 136 10.02 12.93 15.99
N VAL B 137 8.81 12.37 15.98
CA VAL B 137 8.17 12.04 17.25
C VAL B 137 8.93 10.88 17.88
N ARG B 138 9.41 11.07 19.10
CA ARG B 138 10.15 10.04 19.83
C ARG B 138 9.39 8.70 19.88
N ASP B 139 10.09 7.62 19.55
CA ASP B 139 9.57 6.25 19.62
C ASP B 139 8.48 5.90 18.59
N GLY B 140 8.16 6.84 17.70
CA GLY B 140 7.24 6.53 16.60
C GLY B 140 7.93 5.71 15.53
N SER B 141 7.15 5.18 14.58
CA SER B 141 7.73 4.36 13.53
CA SER B 141 7.72 4.37 13.53
C SER B 141 8.69 5.15 12.66
N THR B 142 8.51 6.47 12.60
CA THR B 142 9.40 7.30 11.80
C THR B 142 10.78 7.35 12.45
N MET B 143 10.82 7.55 13.76
CA MET B 143 12.08 7.54 14.47
C MET B 143 12.76 6.19 14.31
N THR B 144 11.98 5.12 14.46
CA THR B 144 12.53 3.77 14.35
C THR B 144 13.11 3.51 12.96
N PHE B 145 12.51 4.12 11.95
CA PHE B 145 13.04 3.98 10.60
C PHE B 145 14.47 4.50 10.55
N PHE B 146 14.69 5.67 11.13
CA PHE B 146 16.01 6.27 11.08
C PHE B 146 17.01 5.50 11.96
N LYS B 147 16.55 5.00 13.10
CA LYS B 147 17.42 4.30 14.03
C LYS B 147 17.85 2.93 13.51
N LYS B 148 16.96 2.26 12.78
CA LYS B 148 17.26 0.92 12.29
C LYS B 148 17.88 0.94 10.91
N SER B 149 17.84 2.09 10.24
CA SER B 149 18.29 2.20 8.86
C SER B 149 19.79 1.99 8.70
N LYS B 150 20.18 1.43 7.56
CA LYS B 150 21.59 1.24 7.23
C LYS B 150 21.94 2.00 5.97
N ILE B 151 21.00 2.82 5.52
CA ILE B 151 21.22 3.70 4.37
C ILE B 151 22.03 4.89 4.82
N SER B 152 23.08 5.21 4.06
CA SER B 152 23.99 6.31 4.34
C SER B 152 23.36 7.56 4.96
N THR B 153 22.64 8.32 4.14
CA THR B 153 22.08 9.59 4.57
C THR B 153 21.17 9.45 5.79
N TYR B 154 20.40 8.36 5.85
CA TYR B 154 19.45 8.19 6.94
C TYR B 154 20.19 7.79 8.21
N GLU B 155 21.33 7.13 8.05
CA GLU B 155 22.21 6.80 9.16
C GLU B 155 22.71 8.09 9.77
N LYS B 156 23.20 8.98 8.90
CA LYS B 156 23.71 10.28 9.30
C LYS B 156 22.66 11.11 10.03
N MET B 157 21.42 11.06 9.54
CA MET B 157 20.35 11.85 10.13
C MET B 157 19.99 11.33 11.52
N TRP B 158 20.02 10.01 11.69
CA TRP B 158 19.75 9.43 13.00
C TRP B 158 20.79 9.82 14.02
N ALA B 159 22.05 9.87 13.58
CA ALA B 159 23.16 10.25 14.43
C ALA B 159 22.90 11.62 15.03
N PHE B 160 22.51 12.55 14.16
CA PHE B 160 22.21 13.90 14.57
C PHE B 160 20.93 14.00 15.43
N MET B 161 19.91 13.27 15.03
CA MET B 161 18.62 13.27 15.71
C MET B 161 18.71 12.80 17.16
N SER B 162 19.55 11.79 17.39
CA SER B 162 19.64 11.13 18.69
C SER B 162 20.73 11.75 19.56
N SER B 163 21.56 12.59 18.95
CA SER B 163 22.62 13.26 19.69
C SER B 163 22.05 14.27 20.67
N ARG B 164 22.88 14.68 21.64
CA ARG B 164 22.49 15.68 22.63
C ARG B 164 21.28 15.22 23.43
N GLN B 165 21.29 13.94 23.81
CA GLN B 165 20.19 13.34 24.56
C GLN B 165 18.84 13.53 23.85
N GLN B 166 18.86 13.46 22.52
CA GLN B 166 17.64 13.50 21.69
C GLN B 166 16.85 14.81 21.73
N SER B 167 17.55 15.93 21.90
CA SER B 167 16.91 17.24 21.97
C SER B 167 16.18 17.62 20.69
N ALA B 168 16.55 17.01 19.58
CA ALA B 168 15.89 17.28 18.31
C ALA B 168 14.57 16.52 18.16
N LEU B 169 14.31 15.54 19.01
CA LEU B 169 13.04 14.79 18.94
C LEU B 169 11.91 15.55 19.65
N VAL B 170 10.67 15.19 19.36
CA VAL B 170 9.54 15.77 20.06
C VAL B 170 8.64 14.65 20.57
N LYS B 171 7.80 14.95 21.56
CA LYS B 171 7.01 13.90 22.18
C LYS B 171 5.77 13.59 21.37
N ASN B 172 5.33 14.56 20.57
CA ASN B 172 4.13 14.37 19.77
C ASN B 172 4.10 15.28 18.56
N SER B 173 3.16 15.03 17.66
CA SER B 173 3.12 15.75 16.39
C SER B 173 2.84 17.24 16.55
N ASP B 174 1.89 17.59 17.40
CA ASP B 174 1.59 19.01 17.64
C ASP B 174 2.81 19.79 18.12
N GLU B 175 3.59 19.19 19.02
CA GLU B 175 4.84 19.81 19.48
C GLU B 175 5.77 20.03 18.27
N GLY B 176 5.90 19.00 17.44
CA GLY B 176 6.66 19.12 16.21
C GLY B 176 6.17 20.27 15.34
N ILE B 177 4.87 20.34 15.12
CA ILE B 177 4.29 21.40 14.30
C ILE B 177 4.64 22.77 14.90
N GLN B 178 4.36 22.98 16.18
CA GLN B 178 4.73 24.25 16.82
C GLN B 178 6.20 24.58 16.64
N ARG B 179 7.04 23.56 16.79
CA ARG B 179 8.47 23.77 16.67
C ARG B 179 8.88 24.21 15.25
N VAL B 180 8.22 23.65 14.24
CA VAL B 180 8.49 24.07 12.86
C VAL B 180 8.07 25.53 12.62
N LEU B 181 6.91 25.90 13.16
CA LEU B 181 6.34 27.22 12.96
C LEU B 181 7.11 28.34 13.65
N THR B 182 7.84 28.00 14.71
CA THR B 182 8.51 28.96 15.59
C THR B 182 10.00 29.08 15.33
N THR B 183 10.66 27.94 15.19
CA THR B 183 12.12 27.91 15.10
C THR B 183 12.60 27.35 13.76
N ASP B 184 13.92 27.29 13.58
CA ASP B 184 14.48 26.74 12.35
C ASP B 184 14.59 25.22 12.44
N TYR B 185 13.45 24.57 12.24
CA TYR B 185 13.29 23.15 12.54
C TYR B 185 12.42 22.49 11.46
N ALA B 186 12.83 21.30 11.04
CA ALA B 186 12.04 20.49 10.10
C ALA B 186 11.64 19.21 10.81
N LEU B 187 10.39 18.79 10.63
CA LEU B 187 9.90 17.58 11.26
C LEU B 187 9.77 16.46 10.26
N LEU B 188 10.40 15.33 10.54
CA LEU B 188 10.18 14.12 9.75
C LEU B 188 8.84 13.54 10.19
N MET B 189 7.89 13.50 9.26
CA MET B 189 6.49 13.22 9.56
C MET B 189 5.85 12.36 8.46
N GLU B 190 4.88 11.52 8.84
CA GLU B 190 4.21 10.69 7.84
C GLU B 190 3.42 11.55 6.87
N SER B 191 3.47 11.20 5.58
CA SER B 191 3.02 12.09 4.50
C SER B 191 1.55 12.47 4.60
N THR B 192 0.74 11.54 5.05
CA THR B 192 -0.68 11.77 5.21
C THR B 192 -0.94 12.85 6.26
N SER B 193 -0.14 12.87 7.31
CA SER B 193 -0.28 13.92 8.31
C SER B 193 0.20 15.26 7.78
N ILE B 194 1.27 15.25 6.99
CA ILE B 194 1.74 16.49 6.34
C ILE B 194 0.68 17.07 5.41
N GLU B 195 0.04 16.19 4.62
CA GLU B 195 -1.06 16.61 3.76
C GLU B 195 -2.17 17.27 4.57
N TYR B 196 -2.52 16.66 5.70
CA TYR B 196 -3.58 17.20 6.52
C TYR B 196 -3.21 18.59 7.04
N VAL B 197 -2.02 18.68 7.62
CA VAL B 197 -1.53 19.93 8.21
C VAL B 197 -1.40 21.05 7.18
N THR B 198 -0.81 20.76 6.02
CA THR B 198 -0.55 21.80 5.03
C THR B 198 -1.79 22.30 4.28
N GLN B 199 -2.94 21.68 4.54
CA GLN B 199 -4.19 22.18 3.98
C GLN B 199 -5.03 22.93 5.01
N ARG B 200 -4.46 23.10 6.20
CA ARG B 200 -5.12 23.89 7.23
C ARG B 200 -4.28 25.11 7.56
N ASN B 201 -2.96 24.95 7.51
CA ASN B 201 -2.00 26.02 7.79
C ASN B 201 -1.17 26.33 6.55
N CYS B 202 -1.42 27.48 5.96
CA CYS B 202 -0.79 27.82 4.70
C CYS B 202 0.64 28.32 4.84
N ASN B 203 1.15 28.33 6.08
CA ASN B 203 2.56 28.65 6.29
C ASN B 203 3.47 27.43 6.22
N LEU B 204 2.87 26.25 6.15
CA LEU B 204 3.66 25.04 6.18
C LEU B 204 3.66 24.34 4.83
N THR B 205 4.71 23.59 4.56
CA THR B 205 4.81 22.86 3.30
C THR B 205 5.58 21.56 3.47
N GLN B 206 5.33 20.63 2.56
CA GLN B 206 6.10 19.41 2.45
C GLN B 206 7.36 19.67 1.64
N ILE B 207 8.47 19.12 2.11
CA ILE B 207 9.74 19.21 1.43
C ILE B 207 10.10 17.86 0.84
N GLY B 208 10.27 17.81 -0.47
CA GLY B 208 10.65 16.58 -1.15
C GLY B 208 9.51 15.60 -1.25
N GLY B 209 9.82 14.37 -1.63
CA GLY B 209 8.81 13.34 -1.80
C GLY B 209 8.77 12.40 -0.62
N LEU B 210 8.36 11.15 -0.86
CA LEU B 210 8.33 10.16 0.20
C LEU B 210 9.67 9.44 0.23
N ILE B 211 10.24 9.23 1.42
CA ILE B 211 11.51 8.51 1.51
C ILE B 211 11.30 7.02 1.68
N ASP B 212 10.10 6.61 2.05
CA ASP B 212 9.79 5.19 2.06
C ASP B 212 8.31 4.99 1.72
N SER B 213 7.86 3.75 1.82
CA SER B 213 6.52 3.40 1.41
C SER B 213 5.93 2.46 2.44
N LYS B 214 4.77 2.83 3.00
CA LYS B 214 4.14 1.95 3.99
C LYS B 214 2.66 2.25 4.13
N GLY B 215 1.99 1.49 4.98
CA GLY B 215 0.57 1.69 5.18
C GLY B 215 0.15 1.72 6.64
N TYR B 216 -1.08 2.17 6.87
CA TYR B 216 -1.74 2.04 8.15
C TYR B 216 -2.64 0.83 8.02
N GLY B 217 -2.74 0.04 9.08
CA GLY B 217 -3.60 -1.13 9.06
C GLY B 217 -4.39 -1.27 10.33
N VAL B 218 -5.50 -1.99 10.27
CA VAL B 218 -6.22 -2.32 11.49
C VAL B 218 -5.47 -3.42 12.27
N GLY B 219 -5.20 -3.16 13.54
CA GLY B 219 -4.49 -4.12 14.36
C GLY B 219 -5.41 -5.14 14.99
N THR B 220 -4.98 -6.40 15.05
CA THR B 220 -5.72 -7.43 15.78
C THR B 220 -4.70 -8.32 16.49
N PRO B 221 -5.12 -9.05 17.55
CA PRO B 221 -4.17 -9.96 18.19
C PRO B 221 -3.79 -11.10 17.26
N ILE B 222 -2.59 -11.62 17.42
CA ILE B 222 -2.19 -12.79 16.65
C ILE B 222 -3.22 -13.90 16.79
N GLY B 223 -3.70 -14.38 15.65
CA GLY B 223 -4.64 -15.48 15.64
C GLY B 223 -6.07 -15.02 15.63
N SER B 224 -6.30 -13.72 15.65
CA SER B 224 -7.66 -13.20 15.62
C SER B 224 -8.45 -13.66 14.40
N PRO B 225 -9.70 -14.04 14.62
CA PRO B 225 -10.58 -14.49 13.52
C PRO B 225 -11.17 -13.31 12.75
N TYR B 226 -10.87 -12.07 13.18
CA TYR B 226 -11.41 -10.91 12.48
C TYR B 226 -10.50 -10.33 11.44
N ARG B 227 -9.20 -10.56 11.58
CA ARG B 227 -8.21 -9.94 10.71
C ARG B 227 -8.54 -10.16 9.23
N ASP B 228 -8.76 -11.42 8.87
CA ASP B 228 -9.01 -11.75 7.48
C ASP B 228 -10.31 -11.12 6.98
N LYS B 229 -11.32 -11.10 7.84
CA LYS B 229 -12.58 -10.48 7.47
C LYS B 229 -12.43 -8.97 7.28
N ILE B 230 -11.59 -8.35 8.10
CA ILE B 230 -11.43 -6.91 8.01
CA ILE B 230 -11.40 -6.89 8.03
C ILE B 230 -10.63 -6.57 6.77
N THR B 231 -9.63 -7.38 6.47
CA THR B 231 -8.88 -7.25 5.24
C THR B 231 -9.81 -7.25 4.05
N ILE B 232 -10.72 -8.22 4.03
CA ILE B 232 -11.64 -8.36 2.91
C ILE B 232 -12.58 -7.15 2.81
N ALA B 233 -13.09 -6.69 3.95
CA ALA B 233 -13.90 -5.50 3.95
C ALA B 233 -13.14 -4.25 3.46
N ILE B 234 -11.88 -4.10 3.87
CA ILE B 234 -11.04 -2.98 3.42
C ILE B 234 -10.87 -3.01 1.89
N LEU B 235 -10.61 -4.19 1.34
CA LEU B 235 -10.44 -4.31 -0.11
C LEU B 235 -11.74 -3.89 -0.81
N GLN B 236 -12.86 -4.31 -0.24
CA GLN B 236 -14.16 -3.92 -0.80
C GLN B 236 -14.32 -2.41 -0.80
N LEU B 237 -13.98 -1.79 0.34
CA LEU B 237 -14.13 -0.35 0.49
C LEU B 237 -13.21 0.40 -0.46
N GLN B 238 -12.01 -0.11 -0.68
CA GLN B 238 -11.09 0.54 -1.59
C GLN B 238 -11.63 0.46 -3.03
N GLU B 239 -12.10 -0.72 -3.43
CA GLU B 239 -12.53 -0.95 -4.80
C GLU B 239 -13.80 -0.17 -5.14
N GLU B 240 -14.61 0.09 -4.12
CA GLU B 240 -15.81 0.90 -4.26
C GLU B 240 -15.54 2.41 -4.24
N GLY B 241 -14.29 2.80 -4.00
CA GLY B 241 -13.96 4.22 -3.97
C GLY B 241 -14.25 4.89 -2.63
N LYS B 242 -14.68 4.10 -1.65
CA LYS B 242 -15.11 4.64 -0.36
C LYS B 242 -13.97 5.12 0.51
N LEU B 243 -12.85 4.39 0.51
CA LEU B 243 -11.68 4.84 1.26
C LEU B 243 -11.22 6.19 0.73
N HIS B 244 -11.28 6.35 -0.59
CA HIS B 244 -10.88 7.61 -1.21
C HIS B 244 -11.86 8.73 -0.81
N MET B 245 -13.16 8.45 -0.83
CA MET B 245 -14.15 9.46 -0.40
C MET B 245 -13.96 9.87 1.05
N MET B 246 -13.72 8.89 1.91
CA MET B 246 -13.49 9.15 3.32
C MET B 246 -12.30 10.06 3.53
N LYS B 247 -11.23 9.82 2.79
CA LYS B 247 -10.05 10.65 2.96
C LYS B 247 -10.28 12.07 2.45
N GLU B 248 -10.94 12.19 1.30
CA GLU B 248 -11.31 13.51 0.77
C GLU B 248 -12.13 14.29 1.81
N LYS B 249 -13.06 13.60 2.46
CA LYS B 249 -13.92 14.23 3.46
C LYS B 249 -13.11 14.86 4.58
N TRP B 250 -12.16 14.13 5.12
CA TRP B 250 -11.50 14.56 6.35
C TRP B 250 -10.23 15.37 6.13
N TRP B 251 -9.70 15.31 4.91
CA TRP B 251 -8.47 16.02 4.59
C TRP B 251 -8.72 17.39 3.95
N ARG B 252 -9.96 17.62 3.52
CA ARG B 252 -10.29 18.87 2.83
C ARG B 252 -9.77 20.08 3.58
N GLY B 253 -10.13 20.19 4.86
CA GLY B 253 -9.66 21.27 5.69
C GLY B 253 -10.07 22.63 5.15
N ASN B 254 -9.20 23.62 5.30
CA ASN B 254 -9.49 25.00 4.93
C ASN B 254 -9.12 25.35 3.48
N GLY B 255 -8.18 24.60 2.91
CA GLY B 255 -7.71 24.86 1.56
C GLY B 255 -6.48 25.75 1.57
N CYS B 256 -5.39 25.26 0.97
CA CYS B 256 -4.17 26.05 0.81
C CYS B 256 -3.57 25.87 -0.57
N PRO B 257 -3.05 26.96 -1.17
CA PRO B 257 -2.36 26.87 -2.46
C PRO B 257 -1.10 26.04 -2.38
#